data_2PDJ
#
_entry.id   2PDJ
#
_cell.length_a   40.390
_cell.length_b   47.100
_cell.length_c   46.164
_cell.angle_alpha   76.11
_cell.angle_beta   76.68
_cell.angle_gamma   67.88
#
_symmetry.space_group_name_H-M   'P 1'
#
loop_
_entity.id
_entity.type
_entity.pdbx_description
1 polymer 'Aldose reductase'
2 non-polymer 'NADP NICOTINAMIDE-ADENINE-DINUCLEOTIDE PHOSPHATE'
3 non-polymer '(5-CHLORO-2-{[(3-NITROBENZYL)AMINO]CARBONYL}PHENOXY)ACETIC ACID'
4 water water
#
_entity_poly.entity_id   1
_entity_poly.type   'polypeptide(L)'
_entity_poly.pdbx_seq_one_letter_code
;MASRILLNNGAKMPILGLGTWKSPPGQVTEAVKVAIDVGYRHIDCAHVYQNENEVGVAIQEKLREQVVKREELFIVSKLW
CTYHEKGLVKGACQKTLSDLKLDYLDLYLIHWPTGFKPGKEFFPLDESGNVVPSDTNILDTWAAMEELVDEGLVKAIGIS
NFNHLQVEMILNKPGLKYKPAVNQIECHPYLTQEKLIQYCQSKGIVVTAYSPLGSPDRPWAKPEDPSLLEDPRIKAIAAK
HNKTTAQVLIRFPMQRNLVVIPKSVTPERIAENFKVFDFELSSQDMTTLLSYNRNWRVCAALSCTSHKDYPFHEEF
;
_entity_poly.pdbx_strand_id   A
#
loop_
_chem_comp.id
_chem_comp.type
_chem_comp.name
_chem_comp.formula
393 non-polymer '(5-CHLORO-2-{[(3-NITROBENZYL)AMINO]CARBONYL}PHENOXY)ACETIC ACID' 'C16 H13 Cl N2 O6'
NAP non-polymer 'NADP NICOTINAMIDE-ADENINE-DINUCLEOTIDE PHOSPHATE' 'C21 H28 N7 O17 P3'
#
# COMPACT_ATOMS: atom_id res chain seq x y z
N ALA A 2 12.56 -3.41 -15.54
CA ALA A 2 13.21 -2.93 -14.32
C ALA A 2 12.35 -3.33 -13.12
N SER A 3 12.92 -4.16 -12.26
CA SER A 3 12.21 -4.80 -11.17
C SER A 3 12.07 -3.84 -9.97
N ARG A 4 12.96 -2.86 -9.90
CA ARG A 4 12.91 -1.93 -8.76
C ARG A 4 12.94 -0.48 -9.23
N ILE A 5 12.40 0.37 -8.36
CA ILE A 5 12.36 1.81 -8.59
C ILE A 5 13.16 2.53 -7.50
N LEU A 6 13.93 3.52 -7.93
CA LEU A 6 14.80 4.29 -7.08
C LEU A 6 13.97 5.29 -6.26
N LEU A 7 14.17 5.20 -4.96
CA LEU A 7 13.54 6.06 -3.99
C LEU A 7 14.46 7.24 -3.69
N ASN A 8 13.91 8.25 -3.02
CA ASN A 8 14.71 9.46 -2.78
C ASN A 8 15.72 9.34 -1.66
N ASN A 9 15.84 8.20 -1.01
CA ASN A 9 16.77 7.87 0.05
C ASN A 9 17.92 7.02 -0.47
N GLY A 10 17.86 6.82 -1.78
CA GLY A 10 18.90 6.09 -2.47
C GLY A 10 18.66 4.60 -2.51
N ALA A 11 17.62 4.10 -1.87
CA ALA A 11 17.24 2.71 -1.89
C ALA A 11 16.34 2.38 -3.08
N LYS A 12 16.32 1.12 -3.49
CA LYS A 12 15.58 0.56 -4.60
C LYS A 12 14.42 -0.27 -4.08
N MET A 13 13.23 0.06 -4.55
CA MET A 13 12.01 -0.60 -4.14
C MET A 13 11.40 -1.49 -5.21
N PRO A 14 11.15 -2.75 -4.90
CA PRO A 14 10.55 -3.66 -5.90
C PRO A 14 9.17 -3.20 -6.31
N ILE A 15 8.94 -3.21 -7.62
CA ILE A 15 7.74 -2.63 -8.16
C ILE A 15 6.53 -3.56 -8.01
N LEU A 16 6.77 -4.82 -7.70
CA LEU A 16 5.66 -5.75 -7.42
C LEU A 16 5.83 -6.27 -6.00
N GLY A 17 4.82 -6.03 -5.17
CA GLY A 17 4.88 -6.59 -3.83
C GLY A 17 3.64 -7.44 -3.55
N LEU A 18 3.68 -8.11 -2.40
CA LEU A 18 2.57 -8.92 -1.93
C LEU A 18 1.76 -8.15 -0.89
N GLY A 19 0.48 -8.02 -1.20
CA GLY A 19 -0.46 -7.44 -0.26
C GLY A 19 -0.80 -8.45 0.83
N THR A 20 -1.13 -8.01 2.05
CA THR A 20 -1.47 -8.94 3.12
C THR A 20 -2.72 -8.53 3.88
N TRP A 21 -3.42 -7.49 3.43
CA TRP A 21 -4.69 -7.19 4.06
C TRP A 21 -5.70 -8.32 3.73
N LYS A 22 -6.33 -8.81 4.78
CA LYS A 22 -7.36 -9.86 4.74
C LYS A 22 -6.71 -11.21 4.54
N SER A 23 -5.38 -11.28 4.72
CA SER A 23 -4.80 -12.64 4.64
C SER A 23 -4.87 -13.22 6.04
N PRO A 24 -5.73 -14.22 6.22
CA PRO A 24 -5.96 -14.65 7.61
C PRO A 24 -4.68 -15.12 8.27
N PRO A 25 -4.54 -14.88 9.56
CA PRO A 25 -3.40 -15.40 10.28
C PRO A 25 -3.24 -16.92 10.12
N GLY A 26 -4.33 -17.66 10.04
CA GLY A 26 -4.27 -19.08 9.73
C GLY A 26 -3.75 -19.42 8.36
N GLN A 27 -3.64 -18.46 7.44
CA GLN A 27 -3.15 -18.77 6.11
C GLN A 27 -2.07 -17.85 5.58
N VAL A 28 -1.70 -16.73 6.21
CA VAL A 28 -0.78 -15.81 5.57
C VAL A 28 0.69 -16.22 5.64
N THR A 29 1.03 -17.03 6.65
CA THR A 29 2.42 -17.50 6.75
C THR A 29 2.79 -18.27 5.48
N GLU A 30 1.94 -19.21 5.12
CA GLU A 30 2.08 -20.01 3.91
C GLU A 30 2.16 -19.05 2.72
N ALA A 31 1.32 -18.02 2.73
CA ALA A 31 1.25 -17.09 1.61
C ALA A 31 2.56 -16.39 1.33
N VAL A 32 3.14 -15.88 2.41
CA VAL A 32 4.40 -15.16 2.35
C VAL A 32 5.53 -16.12 2.00
N LYS A 33 5.45 -17.34 2.55
CA LYS A 33 6.55 -18.28 2.26
C LYS A 33 6.58 -18.52 0.76
N VAL A 34 5.40 -18.78 0.22
CA VAL A 34 5.30 -19.09 -1.20
C VAL A 34 5.69 -17.88 -2.02
N ALA A 35 5.21 -16.69 -1.62
CA ALA A 35 5.59 -15.49 -2.35
C ALA A 35 7.10 -15.31 -2.43
N ILE A 36 7.75 -15.53 -1.28
CA ILE A 36 9.20 -15.34 -1.26
C ILE A 36 9.81 -16.36 -2.23
N ASP A 37 9.36 -17.61 -2.15
CA ASP A 37 9.76 -18.69 -3.03
C ASP A 37 9.63 -18.30 -4.49
N VAL A 38 8.55 -17.63 -4.91
CA VAL A 38 8.49 -17.31 -6.35
C VAL A 38 9.03 -15.96 -6.76
N GLY A 39 9.55 -15.15 -5.84
CA GLY A 39 10.35 -14.00 -6.19
C GLY A 39 9.96 -12.67 -5.58
N TYR A 40 8.83 -12.73 -4.86
CA TYR A 40 8.43 -11.48 -4.23
C TYR A 40 9.53 -11.12 -3.22
N ARG A 41 9.88 -9.86 -3.26
CA ARG A 41 10.79 -9.34 -2.23
C ARG A 41 10.18 -8.24 -1.41
N HIS A 42 9.05 -7.71 -1.86
CA HIS A 42 8.41 -6.58 -1.22
C HIS A 42 7.14 -7.18 -0.64
N ILE A 43 6.99 -6.93 0.66
CA ILE A 43 5.74 -7.31 1.30
C ILE A 43 5.16 -6.06 1.95
N ASP A 44 3.87 -5.89 1.67
CA ASP A 44 3.17 -4.73 2.21
C ASP A 44 2.32 -5.20 3.40
N CYS A 45 2.65 -4.69 4.55
CA CYS A 45 2.10 -5.03 5.82
C CYS A 45 1.40 -3.83 6.43
N ALA A 46 0.67 -4.10 7.51
CA ALA A 46 0.17 -3.07 8.36
C ALA A 46 -0.19 -3.66 9.73
N HIS A 47 0.09 -2.87 10.76
CA HIS A 47 -0.31 -3.34 12.11
C HIS A 47 -1.78 -3.69 12.15
N VAL A 48 -2.56 -2.82 11.49
CA VAL A 48 -4.00 -2.99 11.52
C VAL A 48 -4.44 -4.28 10.87
N TYR A 49 -3.59 -4.88 9.98
CA TYR A 49 -4.00 -6.10 9.34
C TYR A 49 -3.93 -7.32 10.28
N GLN A 50 -3.23 -7.15 11.40
CA GLN A 50 -3.31 -8.03 12.56
C GLN A 50 -2.90 -9.47 12.21
N ASN A 51 -1.87 -9.46 11.39
CA ASN A 51 -1.24 -10.67 10.89
C ASN A 51 0.28 -10.44 10.78
N GLU A 52 0.86 -9.40 11.36
CA GLU A 52 2.30 -9.11 11.17
C GLU A 52 3.17 -10.17 11.82
N ASN A 53 2.70 -10.75 12.93
CA ASN A 53 3.38 -11.88 13.53
C ASN A 53 3.57 -13.02 12.54
N GLU A 54 2.47 -13.36 11.88
CA GLU A 54 2.43 -14.50 10.97
C GLU A 54 3.26 -14.20 9.73
N VAL A 55 3.30 -12.94 9.34
CA VAL A 55 4.19 -12.51 8.24
C VAL A 55 5.63 -12.60 8.69
N GLY A 56 5.91 -12.18 9.92
CA GLY A 56 7.25 -12.31 10.46
C GLY A 56 7.61 -13.81 10.58
N VAL A 57 6.67 -14.66 10.93
CA VAL A 57 6.96 -16.09 11.01
C VAL A 57 7.54 -16.54 9.67
N ALA A 58 6.80 -16.29 8.61
CA ALA A 58 7.25 -16.73 7.29
C ALA A 58 8.60 -16.14 6.92
N ILE A 59 8.79 -14.86 7.25
CA ILE A 59 10.05 -14.22 6.89
C ILE A 59 11.23 -14.81 7.66
N GLN A 60 11.08 -15.03 8.95
CA GLN A 60 12.22 -15.54 9.72
C GLN A 60 12.64 -16.93 9.22
N GLU A 61 11.60 -17.70 8.92
CA GLU A 61 11.75 -19.05 8.40
C GLU A 61 12.53 -19.07 7.09
N LYS A 62 12.07 -18.26 6.14
CA LYS A 62 12.83 -18.18 4.88
C LYS A 62 14.21 -17.60 5.11
N LEU A 63 14.44 -16.73 6.09
CA LEU A 63 15.79 -16.33 6.48
C LEU A 63 16.55 -17.55 7.00
N ARG A 64 15.90 -18.30 7.87
CA ARG A 64 16.41 -19.53 8.45
C ARG A 64 16.73 -20.54 7.35
N GLU A 65 15.80 -20.72 6.42
CA GLU A 65 15.97 -21.65 5.30
C GLU A 65 17.08 -21.19 4.35
N GLN A 66 17.54 -19.95 4.43
CA GLN A 66 18.61 -19.40 3.60
C GLN A 66 18.12 -19.14 2.17
N VAL A 67 16.85 -18.80 2.07
CA VAL A 67 16.20 -18.53 0.79
C VAL A 67 16.43 -17.11 0.32
N VAL A 68 16.45 -16.22 1.31
CA VAL A 68 16.61 -14.79 1.11
C VAL A 68 17.42 -14.24 2.28
N LYS A 69 18.02 -13.08 2.04
CA LYS A 69 18.60 -12.37 3.17
C LYS A 69 17.77 -11.10 3.34
N ARG A 70 17.86 -10.66 4.58
CA ARG A 70 17.19 -9.47 5.01
C ARG A 70 17.39 -8.27 4.09
N GLU A 71 18.58 -7.99 3.61
CA GLU A 71 18.83 -6.85 2.75
C GLU A 71 18.10 -6.91 1.42
N GLU A 72 17.69 -8.09 0.99
CA GLU A 72 17.02 -8.31 -0.27
C GLU A 72 15.52 -8.08 -0.19
N LEU A 73 15.08 -8.06 1.07
CA LEU A 73 13.64 -7.86 1.27
C LEU A 73 13.35 -6.38 1.40
N PHE A 74 12.18 -6.00 0.95
CA PHE A 74 11.68 -4.63 1.16
C PHE A 74 10.39 -4.74 1.94
N ILE A 75 10.48 -4.46 3.25
CA ILE A 75 9.30 -4.73 4.04
C ILE A 75 8.72 -3.38 4.40
N VAL A 76 7.46 -3.19 4.06
CA VAL A 76 6.65 -2.02 4.28
C VAL A 76 5.66 -2.30 5.39
N SER A 77 5.59 -1.40 6.37
CA SER A 77 4.40 -1.40 7.24
C SER A 77 3.92 0.04 7.26
N LYS A 78 2.82 0.34 7.91
CA LYS A 78 2.09 1.55 8.04
C LYS A 78 1.72 1.75 9.51
N LEU A 79 1.82 3.01 9.88
CA LEU A 79 1.41 3.53 11.18
C LEU A 79 -0.10 3.62 11.17
N TRP A 80 -0.76 2.81 12.00
CA TRP A 80 -2.22 2.89 12.00
C TRP A 80 -2.70 4.22 12.58
N CYS A 81 -3.91 4.62 12.24
CA CYS A 81 -4.54 5.87 12.54
C CYS A 81 -4.67 6.19 14.02
N THR A 82 -4.72 5.20 14.89
CA THR A 82 -4.83 5.46 16.31
C THR A 82 -3.48 5.73 16.97
N TYR A 83 -2.38 5.79 16.22
CA TYR A 83 -1.07 6.08 16.75
C TYR A 83 -0.41 7.31 16.16
N HIS A 84 -1.15 8.30 15.66
CA HIS A 84 -0.50 9.47 15.08
C HIS A 84 0.09 10.45 16.08
N GLU A 85 -0.27 10.37 17.34
CA GLU A 85 0.35 11.21 18.35
C GLU A 85 1.86 10.98 18.27
N LYS A 86 2.63 12.05 18.36
CA LYS A 86 4.08 11.97 18.23
C LYS A 86 4.69 11.05 19.28
N GLY A 87 4.11 11.00 20.49
CA GLY A 87 4.60 10.09 21.51
C GLY A 87 4.20 8.64 21.35
N LEU A 88 3.37 8.28 20.38
CA LEU A 88 2.95 6.91 20.11
C LEU A 88 3.64 6.29 18.89
N VAL A 89 4.21 7.15 18.06
CA VAL A 89 4.75 6.63 16.81
C VAL A 89 5.87 5.61 16.99
N LYS A 90 6.86 5.91 17.84
CA LYS A 90 8.00 5.00 18.00
C LYS A 90 7.53 3.65 18.50
N GLY A 91 6.64 3.66 19.50
CA GLY A 91 6.11 2.44 20.04
C GLY A 91 5.34 1.63 18.99
N ALA A 92 4.59 2.35 18.15
CA ALA A 92 3.82 1.65 17.13
C ALA A 92 4.76 1.02 16.11
N CYS A 93 5.81 1.78 15.81
CA CYS A 93 6.76 1.20 14.85
C CYS A 93 7.45 0.01 15.50
N GLN A 94 7.87 0.14 16.76
CA GLN A 94 8.59 -0.92 17.43
C GLN A 94 7.74 -2.16 17.64
N LYS A 95 6.43 -2.06 17.80
CA LYS A 95 5.53 -3.21 17.90
C LYS A 95 5.44 -3.97 16.57
N THR A 96 5.33 -3.21 15.49
CA THR A 96 5.37 -3.78 14.15
C THR A 96 6.69 -4.53 13.99
N LEU A 97 7.80 -3.89 14.34
CA LEU A 97 9.14 -4.48 14.22
C LEU A 97 9.29 -5.75 15.03
N SER A 98 8.65 -5.72 16.20
CA SER A 98 8.71 -6.88 17.09
C SER A 98 7.87 -7.99 16.48
N ASP A 99 6.65 -7.70 16.06
CA ASP A 99 5.78 -8.71 15.46
C ASP A 99 6.41 -9.31 14.21
N LEU A 100 6.97 -8.41 13.39
CA LEU A 100 7.64 -8.85 12.19
C LEU A 100 9.01 -9.50 12.48
N LYS A 101 9.48 -9.45 13.70
CA LYS A 101 10.77 -9.97 14.13
C LYS A 101 11.92 -9.44 13.28
N LEU A 102 11.77 -8.19 12.90
CA LEU A 102 12.74 -7.37 12.23
C LEU A 102 13.33 -6.27 13.09
N ASP A 103 14.51 -5.82 12.66
CA ASP A 103 15.19 -4.74 13.39
C ASP A 103 15.06 -3.40 12.67
N TYR A 104 14.65 -3.41 11.40
CA TYR A 104 14.29 -2.18 10.72
C TYR A 104 13.23 -2.49 9.67
N LEU A 105 12.49 -1.46 9.26
CA LEU A 105 11.63 -1.48 8.10
C LEU A 105 12.29 -0.72 6.94
N ASP A 106 12.03 -1.18 5.73
CA ASP A 106 12.53 -0.47 4.55
C ASP A 106 11.70 0.76 4.26
N LEU A 107 10.41 0.64 4.61
CA LEU A 107 9.51 1.76 4.38
C LEU A 107 8.40 1.74 5.41
N TYR A 108 8.17 2.91 5.99
CA TYR A 108 7.09 3.01 6.97
C TYR A 108 6.24 4.19 6.50
N LEU A 109 4.96 3.91 6.33
CA LEU A 109 3.99 4.85 5.81
C LEU A 109 3.04 5.31 6.90
N ILE A 110 2.70 6.57 6.81
CA ILE A 110 1.50 6.98 7.51
C ILE A 110 0.33 6.36 6.77
N HIS A 111 -0.42 5.46 7.41
CA HIS A 111 -1.36 4.61 6.68
C HIS A 111 -2.51 5.38 6.03
N TRP A 112 -3.06 6.28 6.84
CA TRP A 112 -4.04 7.24 6.37
C TRP A 112 -3.71 8.60 6.96
N PRO A 113 -4.08 9.70 6.32
CA PRO A 113 -3.78 11.02 6.91
C PRO A 113 -4.60 11.31 8.16
N THR A 114 -5.69 10.59 8.33
CA THR A 114 -6.66 10.73 9.39
C THR A 114 -6.14 10.06 10.66
N GLY A 115 -5.91 10.85 11.71
CA GLY A 115 -5.62 10.33 13.02
C GLY A 115 -6.93 10.03 13.74
N PHE A 116 -7.00 8.88 14.40
CA PHE A 116 -8.14 8.48 15.19
C PHE A 116 -7.76 8.42 16.67
N LYS A 117 -8.78 8.56 17.50
CA LYS A 117 -8.61 8.58 18.94
C LYS A 117 -7.79 7.41 19.40
N PRO A 118 -6.75 7.68 20.20
CA PRO A 118 -5.92 6.53 20.59
C PRO A 118 -6.71 5.66 21.57
N GLY A 119 -6.39 4.41 21.59
CA GLY A 119 -6.99 3.38 22.40
C GLY A 119 -6.84 2.03 21.73
N LYS A 120 -7.39 0.99 22.34
CA LYS A 120 -7.22 -0.38 21.84
C LYS A 120 -7.92 -0.65 20.52
N GLU A 121 -9.12 -0.11 20.42
CA GLU A 121 -10.02 -0.20 19.29
C GLU A 121 -9.37 0.55 18.10
N PHE A 122 -9.31 -0.16 16.97
CA PHE A 122 -8.64 0.37 15.78
C PHE A 122 -9.49 1.39 15.06
N PHE A 123 -10.80 1.26 15.16
CA PHE A 123 -11.62 2.13 14.30
C PHE A 123 -12.79 2.60 15.14
N PRO A 124 -12.45 3.46 16.08
CA PRO A 124 -13.49 3.92 17.03
C PRO A 124 -14.54 4.77 16.36
N LEU A 125 -15.80 4.39 16.52
CA LEU A 125 -16.90 5.17 16.04
C LEU A 125 -17.72 5.66 17.24
N ASP A 126 -18.38 6.77 16.94
CA ASP A 126 -19.28 7.42 17.90
C ASP A 126 -20.70 6.99 17.57
N GLU A 127 -21.43 6.55 18.57
CA GLU A 127 -22.82 6.16 18.67
C GLU A 127 -23.52 5.93 17.32
N SER A 128 -23.53 6.98 16.56
CA SER A 128 -23.82 7.46 15.25
C SER A 128 -22.94 7.04 14.09
N GLY A 129 -21.99 6.12 14.29
CA GLY A 129 -21.14 5.64 13.21
C GLY A 129 -20.18 6.61 12.58
N ASN A 130 -19.84 7.70 13.26
CA ASN A 130 -18.81 8.61 12.80
C ASN A 130 -17.47 8.25 13.40
N VAL A 131 -16.35 8.38 12.64
CA VAL A 131 -15.13 8.04 13.36
C VAL A 131 -14.79 9.10 14.40
N VAL A 132 -14.20 8.67 15.51
CA VAL A 132 -13.67 9.54 16.57
C VAL A 132 -12.22 9.93 16.27
N PRO A 133 -11.99 11.14 15.84
CA PRO A 133 -10.66 11.56 15.39
C PRO A 133 -9.74 11.78 16.59
N SER A 134 -8.47 11.93 16.31
CA SER A 134 -7.52 12.42 17.30
C SER A 134 -7.06 13.84 16.93
N ASP A 135 -6.66 14.59 17.96
CA ASP A 135 -6.10 15.93 17.75
C ASP A 135 -4.64 15.79 17.34
N THR A 136 -4.48 15.30 16.11
CA THR A 136 -3.15 15.13 15.56
C THR A 136 -3.14 15.74 14.18
N ASN A 137 -1.98 16.13 13.66
CA ASN A 137 -1.94 16.72 12.34
C ASN A 137 -0.79 16.11 11.54
N ILE A 138 -0.99 16.16 10.22
CA ILE A 138 -0.04 15.54 9.31
C ILE A 138 1.39 15.99 9.59
N LEU A 139 1.64 17.29 9.84
CA LEU A 139 3.05 17.64 10.00
C LEU A 139 3.77 17.14 11.23
N ASP A 140 3.15 17.06 12.38
CA ASP A 140 3.78 16.55 13.61
C ASP A 140 3.97 15.05 13.53
N THR A 141 2.98 14.37 12.96
CA THR A 141 3.11 12.93 12.72
C THR A 141 4.26 12.71 11.75
N TRP A 142 4.36 13.55 10.72
CA TRP A 142 5.50 13.43 9.81
C TRP A 142 6.81 13.61 10.61
N ALA A 143 6.84 14.60 11.51
CA ALA A 143 8.06 14.82 12.29
C ALA A 143 8.43 13.61 13.11
N ALA A 144 7.39 12.94 13.60
CA ALA A 144 7.55 11.72 14.39
C ALA A 144 8.12 10.63 13.51
N MET A 145 7.62 10.60 12.27
CA MET A 145 8.17 9.61 11.34
C MET A 145 9.63 9.89 11.02
N GLU A 146 9.99 11.16 10.87
CA GLU A 146 11.38 11.51 10.58
C GLU A 146 12.31 10.99 11.66
N GLU A 147 11.85 11.09 12.91
CA GLU A 147 12.65 10.59 14.02
C GLU A 147 12.98 9.12 13.85
N LEU A 148 12.04 8.32 13.37
CA LEU A 148 12.25 6.90 13.12
C LEU A 148 13.44 6.69 12.20
N VAL A 149 13.54 7.51 11.15
CA VAL A 149 14.68 7.41 10.24
C VAL A 149 15.94 7.81 11.00
N ASP A 150 15.85 8.95 11.69
CA ASP A 150 17.09 9.39 12.38
C ASP A 150 17.47 8.43 13.48
N GLU A 151 16.62 7.50 13.89
CA GLU A 151 16.98 6.54 14.93
C GLU A 151 17.35 5.17 14.34
N GLY A 152 17.41 5.08 13.02
CA GLY A 152 17.73 3.84 12.36
C GLY A 152 16.65 2.78 12.33
N LEU A 153 15.41 3.09 12.72
CA LEU A 153 14.40 2.05 12.81
C LEU A 153 13.76 1.77 11.44
N VAL A 154 13.79 2.76 10.57
CA VAL A 154 13.21 2.67 9.24
C VAL A 154 14.15 3.40 8.28
N LYS A 155 14.31 2.84 7.07
CA LYS A 155 15.21 3.44 6.09
C LYS A 155 14.53 4.54 5.31
N ALA A 156 13.21 4.48 5.24
CA ALA A 156 12.50 5.49 4.47
C ALA A 156 11.09 5.59 5.02
N ILE A 157 10.54 6.78 4.86
CA ILE A 157 9.18 7.04 5.32
C ILE A 157 8.37 7.56 4.15
N GLY A 158 7.06 7.31 4.20
CA GLY A 158 6.20 7.88 3.18
C GLY A 158 4.78 7.99 3.74
N ILE A 159 3.85 8.16 2.80
CA ILE A 159 2.45 8.40 3.15
C ILE A 159 1.56 7.50 2.30
N SER A 160 0.30 7.44 2.66
CA SER A 160 -0.69 6.60 1.97
C SER A 160 -2.06 7.25 2.07
N ASN A 161 -2.75 7.27 0.93
CA ASN A 161 -4.06 7.90 0.92
C ASN A 161 -4.03 9.40 1.19
N PHE A 162 -2.90 10.02 0.89
CA PHE A 162 -2.76 11.48 0.92
C PHE A 162 -3.08 12.09 -0.43
N ASN A 163 -3.93 13.13 -0.38
CA ASN A 163 -4.18 13.86 -1.61
C ASN A 163 -3.01 14.81 -1.89
N HIS A 164 -2.99 15.43 -3.08
CA HIS A 164 -1.85 16.25 -3.49
C HIS A 164 -1.64 17.44 -2.55
N LEU A 165 -2.69 18.00 -1.98
CA LEU A 165 -2.46 19.11 -1.07
C LEU A 165 -1.84 18.61 0.23
N GLN A 166 -2.22 17.37 0.60
CA GLN A 166 -1.68 16.88 1.86
C GLN A 166 -0.20 16.57 1.72
N VAL A 167 0.13 16.10 0.52
CA VAL A 167 1.53 15.84 0.18
C VAL A 167 2.26 17.20 0.21
N GLU A 168 1.64 18.19 -0.42
CA GLU A 168 2.26 19.51 -0.49
C GLU A 168 2.54 20.09 0.89
N MET A 169 1.63 19.93 1.84
CA MET A 169 1.81 20.31 3.23
C MET A 169 3.15 19.79 3.75
N ILE A 170 3.36 18.49 3.56
CA ILE A 170 4.63 17.92 4.00
C ILE A 170 5.80 18.54 3.25
N LEU A 171 5.69 18.66 1.94
CA LEU A 171 6.78 19.16 1.13
C LEU A 171 7.21 20.56 1.56
N ASN A 172 6.22 21.35 1.90
CA ASN A 172 6.48 22.76 2.24
C ASN A 172 6.69 22.92 3.73
N LYS A 173 6.72 21.83 4.50
CA LYS A 173 7.02 21.87 5.93
C LYS A 173 8.27 22.65 6.26
N PRO A 174 8.21 23.71 7.05
CA PRO A 174 9.48 24.33 7.48
C PRO A 174 10.32 23.36 8.29
N GLY A 175 11.63 23.33 8.04
CA GLY A 175 12.43 22.35 8.75
C GLY A 175 12.26 20.91 8.30
N LEU A 176 11.67 20.67 7.14
CA LEU A 176 11.52 19.30 6.61
C LEU A 176 12.85 18.57 6.68
N LYS A 177 12.83 17.33 7.17
CA LYS A 177 14.07 16.58 7.32
C LYS A 177 14.15 15.56 6.16
N TYR A 178 13.03 14.88 6.01
CA TYR A 178 12.91 13.89 4.93
C TYR A 178 11.69 14.11 4.07
N LYS A 179 11.84 14.15 2.75
CA LYS A 179 10.62 14.24 1.94
C LYS A 179 10.09 12.79 1.90
N PRO A 180 8.78 12.70 1.75
CA PRO A 180 8.15 11.38 1.58
C PRO A 180 8.72 10.69 0.35
N ALA A 181 9.04 9.42 0.53
CA ALA A 181 9.61 8.61 -0.53
C ALA A 181 8.50 8.01 -1.39
N VAL A 182 7.36 7.71 -0.81
CA VAL A 182 6.29 6.97 -1.47
C VAL A 182 4.97 7.56 -1.02
N ASN A 183 4.05 7.59 -1.96
CA ASN A 183 2.66 7.81 -1.67
C ASN A 183 1.88 6.55 -2.13
N GLN A 184 1.34 5.77 -1.21
CA GLN A 184 0.58 4.57 -1.57
C GLN A 184 -0.92 4.89 -1.64
N ILE A 185 -1.45 4.71 -2.85
CA ILE A 185 -2.82 5.06 -3.18
C ILE A 185 -3.57 3.97 -3.91
N GLU A 186 -4.90 4.03 -3.78
CA GLU A 186 -5.69 3.06 -4.55
C GLU A 186 -5.57 3.39 -6.02
N CYS A 187 -5.41 2.36 -6.82
CA CYS A 187 -5.27 2.68 -8.26
C CYS A 187 -5.52 1.43 -9.10
N HIS A 188 -6.43 1.56 -10.05
CA HIS A 188 -6.86 0.48 -10.93
C HIS A 188 -7.66 1.10 -12.09
N PRO A 189 -8.10 0.36 -13.09
CA PRO A 189 -8.78 1.02 -14.23
C PRO A 189 -10.09 1.72 -13.94
N TYR A 190 -10.80 1.45 -12.87
CA TYR A 190 -11.92 2.24 -12.40
C TYR A 190 -11.50 3.43 -11.54
N LEU A 191 -10.23 3.57 -11.19
CA LEU A 191 -9.74 4.72 -10.43
C LEU A 191 -8.31 5.01 -10.86
N THR A 192 -8.13 5.72 -11.96
CA THR A 192 -6.84 5.70 -12.63
C THR A 192 -5.88 6.76 -12.09
N GLN A 193 -6.43 7.68 -11.29
CA GLN A 193 -5.58 8.59 -10.53
C GLN A 193 -4.61 9.38 -11.37
N GLU A 194 -4.98 9.77 -12.58
CA GLU A 194 -4.02 10.50 -13.39
C GLU A 194 -3.43 11.77 -12.79
N LYS A 195 -4.28 12.63 -12.22
CA LYS A 195 -3.73 13.87 -11.66
C LYS A 195 -2.86 13.64 -10.44
N LEU A 196 -3.20 12.73 -9.51
CA LEU A 196 -2.34 12.56 -8.33
C LEU A 196 -1.03 11.93 -8.70
N ILE A 197 -1.08 10.97 -9.63
CA ILE A 197 0.14 10.34 -10.11
C ILE A 197 0.99 11.43 -10.76
N GLN A 198 0.42 12.26 -11.64
CA GLN A 198 1.19 13.31 -12.31
C GLN A 198 1.88 14.17 -11.26
N TYR A 199 1.10 14.56 -10.25
CA TYR A 199 1.63 15.39 -9.19
C TYR A 199 2.77 14.70 -8.47
N CYS A 200 2.49 13.45 -8.02
CA CYS A 200 3.52 12.82 -7.20
C CYS A 200 4.82 12.63 -7.96
N GLN A 201 4.72 12.15 -9.18
CA GLN A 201 5.89 11.82 -9.97
C GLN A 201 6.70 13.10 -10.21
N SER A 202 6.01 14.21 -10.35
CA SER A 202 6.59 15.52 -10.71
C SER A 202 7.37 16.10 -9.54
N LYS A 203 7.01 15.60 -8.37
CA LYS A 203 7.70 15.92 -7.13
C LYS A 203 8.64 14.84 -6.64
N GLY A 204 9.04 13.85 -7.44
CA GLY A 204 9.97 12.83 -7.04
C GLY A 204 9.48 11.84 -6.00
N ILE A 205 8.16 11.70 -5.91
CA ILE A 205 7.54 10.75 -4.99
C ILE A 205 7.02 9.55 -5.77
N VAL A 206 7.42 8.37 -5.31
CA VAL A 206 7.01 7.15 -5.99
C VAL A 206 5.62 6.74 -5.51
N VAL A 207 4.82 6.31 -6.48
CA VAL A 207 3.45 5.93 -6.17
C VAL A 207 3.25 4.43 -6.18
N THR A 208 2.61 3.93 -5.14
CA THR A 208 2.26 2.51 -5.03
C THR A 208 0.75 2.39 -5.20
N ALA A 209 0.32 1.57 -6.15
CA ALA A 209 -1.07 1.26 -6.42
C ALA A 209 -1.54 0.10 -5.57
N TYR A 210 -2.48 0.38 -4.67
CA TYR A 210 -3.08 -0.75 -3.96
C TYR A 210 -4.41 -1.12 -4.60
N SER A 211 -4.96 -2.21 -4.07
CA SER A 211 -6.21 -2.80 -4.59
C SER A 211 -6.20 -2.87 -6.10
N PRO A 212 -5.16 -3.38 -6.74
CA PRO A 212 -5.13 -3.35 -8.20
C PRO A 212 -6.13 -4.30 -8.85
N LEU A 213 -6.63 -5.26 -8.08
CA LEU A 213 -7.63 -6.16 -8.68
C LEU A 213 -9.04 -5.74 -8.29
N GLY A 214 -9.13 -4.59 -7.64
CA GLY A 214 -10.40 -4.03 -7.21
C GLY A 214 -10.87 -4.72 -5.92
N SER A 215 -10.00 -5.35 -5.16
CA SER A 215 -10.30 -5.86 -3.83
C SER A 215 -11.62 -6.61 -3.71
N PRO A 216 -11.82 -7.63 -4.49
CA PRO A 216 -13.11 -8.36 -4.45
C PRO A 216 -13.44 -8.85 -3.05
N ASP A 217 -12.44 -9.06 -2.19
CA ASP A 217 -12.68 -9.63 -0.86
C ASP A 217 -12.89 -8.54 0.19
N ARG A 218 -12.97 -7.30 -0.25
CA ARG A 218 -13.18 -6.19 0.70
C ARG A 218 -14.43 -6.49 1.51
N PRO A 219 -14.35 -6.32 2.80
CA PRO A 219 -15.48 -6.76 3.63
C PRO A 219 -16.74 -5.94 3.41
N TRP A 220 -16.68 -4.77 2.80
CA TRP A 220 -17.87 -3.94 2.62
C TRP A 220 -18.44 -4.01 1.21
N ALA A 221 -17.97 -4.94 0.38
CA ALA A 221 -18.45 -5.01 -1.00
C ALA A 221 -19.97 -5.22 -1.08
N LYS A 222 -20.53 -4.69 -2.15
CA LYS A 222 -21.89 -4.93 -2.59
C LYS A 222 -21.99 -5.51 -3.98
N PRO A 223 -23.10 -6.25 -4.21
CA PRO A 223 -23.35 -6.92 -5.48
C PRO A 223 -23.40 -5.98 -6.67
N GLU A 224 -23.87 -4.76 -6.36
CA GLU A 224 -24.03 -3.80 -7.45
C GLU A 224 -22.70 -3.19 -7.86
N ASP A 225 -21.68 -3.23 -7.02
CA ASP A 225 -20.41 -2.58 -7.34
C ASP A 225 -19.83 -3.12 -8.65
N PRO A 226 -19.05 -2.29 -9.33
CA PRO A 226 -18.36 -2.82 -10.52
C PRO A 226 -17.28 -3.80 -10.07
N SER A 227 -17.08 -4.86 -10.83
CA SER A 227 -16.14 -5.93 -10.49
C SER A 227 -15.09 -6.00 -11.61
N LEU A 228 -13.92 -5.42 -11.32
CA LEU A 228 -12.82 -5.40 -12.24
C LEU A 228 -12.48 -6.78 -12.78
N LEU A 229 -12.32 -7.75 -11.88
CA LEU A 229 -11.85 -9.05 -12.31
C LEU A 229 -12.86 -9.75 -13.22
N GLU A 230 -14.12 -9.32 -13.19
CA GLU A 230 -15.12 -9.96 -14.03
C GLU A 230 -15.48 -9.11 -15.24
N ASP A 231 -14.92 -7.92 -15.31
CA ASP A 231 -15.21 -6.98 -16.39
C ASP A 231 -14.92 -7.61 -17.74
N PRO A 232 -15.95 -7.85 -18.56
CA PRO A 232 -15.70 -8.59 -19.80
C PRO A 232 -14.75 -7.82 -20.70
N ARG A 233 -14.74 -6.48 -20.58
CA ARG A 233 -13.85 -5.74 -21.48
C ARG A 233 -12.38 -6.04 -21.17
N ILE A 234 -12.10 -6.20 -19.88
CA ILE A 234 -10.75 -6.49 -19.41
C ILE A 234 -10.40 -7.94 -19.63
N LYS A 235 -11.33 -8.87 -19.41
CA LYS A 235 -11.12 -10.25 -19.80
C LYS A 235 -10.73 -10.34 -21.27
N ALA A 236 -11.32 -9.43 -22.06
CA ALA A 236 -11.07 -9.43 -23.50
C ALA A 236 -9.62 -9.06 -23.79
N ILE A 237 -9.15 -8.03 -23.10
CA ILE A 237 -7.75 -7.61 -23.18
C ILE A 237 -6.86 -8.75 -22.73
N ALA A 238 -7.21 -9.41 -21.62
CA ALA A 238 -6.47 -10.55 -21.09
C ALA A 238 -6.35 -11.70 -22.07
N ALA A 239 -7.49 -11.98 -22.69
CA ALA A 239 -7.61 -13.10 -23.62
C ALA A 239 -6.72 -12.83 -24.82
N LYS A 240 -6.67 -11.57 -25.25
CA LYS A 240 -5.83 -11.33 -26.42
C LYS A 240 -4.36 -11.57 -26.11
N HIS A 241 -3.92 -11.41 -24.87
CA HIS A 241 -2.53 -11.59 -24.49
C HIS A 241 -2.29 -12.96 -23.86
N ASN A 242 -3.35 -13.78 -23.78
CA ASN A 242 -3.26 -15.10 -23.17
C ASN A 242 -2.80 -15.01 -21.72
N LYS A 243 -3.33 -13.98 -21.06
CA LYS A 243 -3.02 -13.75 -19.64
C LYS A 243 -4.32 -13.72 -18.87
N THR A 244 -4.21 -13.80 -17.54
CA THR A 244 -5.43 -13.73 -16.74
C THR A 244 -5.81 -12.25 -16.64
N THR A 245 -7.05 -11.95 -16.33
CA THR A 245 -7.43 -10.59 -16.01
C THR A 245 -6.56 -9.98 -14.90
N ALA A 246 -6.33 -10.75 -13.82
CA ALA A 246 -5.49 -10.28 -12.74
C ALA A 246 -4.13 -9.85 -13.27
N GLN A 247 -3.60 -10.64 -14.21
CA GLN A 247 -2.25 -10.29 -14.66
C GLN A 247 -2.26 -8.98 -15.45
N VAL A 248 -3.36 -8.78 -16.19
CA VAL A 248 -3.49 -7.51 -16.90
C VAL A 248 -3.59 -6.34 -15.93
N LEU A 249 -4.35 -6.55 -14.87
CA LEU A 249 -4.56 -5.54 -13.85
C LEU A 249 -3.31 -5.23 -13.06
N ILE A 250 -2.40 -6.19 -12.94
CA ILE A 250 -1.13 -5.97 -12.24
C ILE A 250 -0.13 -5.30 -13.17
N ARG A 251 -0.13 -5.72 -14.43
CA ARG A 251 0.79 -5.15 -15.42
C ARG A 251 0.50 -3.69 -15.72
N PHE A 252 -0.77 -3.33 -15.70
CA PHE A 252 -1.23 -1.99 -16.08
C PHE A 252 -0.51 -0.92 -15.26
N PRO A 253 -0.53 -0.98 -13.92
CA PRO A 253 0.21 0.04 -13.16
C PRO A 253 1.72 -0.02 -13.35
N MET A 254 2.27 -1.18 -13.60
CA MET A 254 3.74 -1.26 -13.78
C MET A 254 4.20 -0.40 -14.94
N GLN A 255 3.39 -0.35 -16.00
CA GLN A 255 3.69 0.44 -17.20
C GLN A 255 3.38 1.91 -17.02
N ARG A 256 2.92 2.24 -15.82
CA ARG A 256 2.77 3.66 -15.49
C ARG A 256 3.85 4.12 -14.49
N ASN A 257 4.91 3.33 -14.35
CA ASN A 257 6.01 3.65 -13.43
C ASN A 257 5.49 3.69 -12.00
N LEU A 258 4.55 2.79 -11.70
CA LEU A 258 4.06 2.65 -10.35
C LEU A 258 4.48 1.30 -9.73
N VAL A 259 4.49 1.30 -8.41
CA VAL A 259 4.63 0.05 -7.65
C VAL A 259 3.24 -0.54 -7.48
N VAL A 260 3.09 -1.85 -7.48
CA VAL A 260 1.77 -2.45 -7.29
C VAL A 260 1.87 -3.63 -6.31
N ILE A 261 0.84 -3.83 -5.53
CA ILE A 261 0.90 -4.79 -4.41
C ILE A 261 -0.34 -5.65 -4.31
N PRO A 262 -0.57 -6.49 -5.32
CA PRO A 262 -1.75 -7.39 -5.29
C PRO A 262 -1.68 -8.38 -4.13
N LYS A 263 -2.83 -8.63 -3.50
CA LYS A 263 -2.94 -9.56 -2.38
C LYS A 263 -3.52 -10.91 -2.83
N SER A 264 -2.96 -11.99 -2.35
CA SER A 264 -3.52 -13.32 -2.39
C SER A 264 -2.95 -14.19 -1.27
N VAL A 265 -3.77 -15.12 -0.76
CA VAL A 265 -3.30 -16.19 0.11
C VAL A 265 -3.35 -17.53 -0.61
N THR A 266 -3.78 -17.49 -1.88
CA THR A 266 -3.91 -18.72 -2.64
C THR A 266 -2.61 -19.00 -3.37
N PRO A 267 -1.90 -20.06 -3.03
CA PRO A 267 -0.56 -20.25 -3.59
C PRO A 267 -0.55 -20.15 -5.12
N GLU A 268 -1.59 -20.72 -5.73
CA GLU A 268 -1.61 -20.66 -7.19
C GLU A 268 -1.66 -19.22 -7.70
N ARG A 269 -2.47 -18.41 -7.03
CA ARG A 269 -2.60 -17.02 -7.50
C ARG A 269 -1.38 -16.17 -7.15
N ILE A 270 -0.76 -16.50 -6.01
CA ILE A 270 0.43 -15.72 -5.65
C ILE A 270 1.45 -15.82 -6.76
N ALA A 271 1.57 -17.07 -7.22
CA ALA A 271 2.49 -17.32 -8.34
C ALA A 271 2.04 -16.67 -9.63
N GLU A 272 0.79 -16.84 -9.99
CA GLU A 272 0.18 -16.27 -11.19
C GLU A 272 0.45 -14.77 -11.26
N ASN A 273 0.21 -14.11 -10.13
CA ASN A 273 0.28 -12.66 -10.06
C ASN A 273 1.69 -12.10 -10.25
N PHE A 274 2.69 -12.97 -10.09
CA PHE A 274 4.07 -12.50 -10.21
C PHE A 274 4.53 -12.57 -11.65
N LYS A 275 3.80 -13.34 -12.45
CA LYS A 275 4.24 -13.61 -13.83
C LYS A 275 3.69 -12.50 -14.73
N VAL A 276 4.18 -11.31 -14.48
CA VAL A 276 3.79 -10.10 -15.20
C VAL A 276 4.96 -9.36 -15.78
N PHE A 277 6.12 -10.02 -15.90
CA PHE A 277 7.26 -9.31 -16.49
C PHE A 277 7.60 -9.95 -17.84
N ASP A 278 6.64 -10.69 -18.39
CA ASP A 278 6.88 -11.36 -19.67
C ASP A 278 5.88 -11.02 -20.75
N PHE A 279 5.17 -9.91 -20.59
CA PHE A 279 4.31 -9.38 -21.65
C PHE A 279 4.20 -7.87 -21.44
N GLU A 280 3.76 -7.19 -22.49
CA GLU A 280 3.50 -5.77 -22.43
C GLU A 280 2.08 -5.49 -22.91
N LEU A 281 1.45 -4.56 -22.19
CA LEU A 281 0.20 -4.03 -22.68
C LEU A 281 0.51 -2.97 -23.73
N SER A 282 -0.27 -3.04 -24.82
CA SER A 282 0.00 -2.13 -25.93
C SER A 282 -0.45 -0.73 -25.64
N SER A 283 -0.09 0.23 -26.52
CA SER A 283 -0.59 1.58 -26.38
C SER A 283 -2.11 1.62 -26.27
N GLN A 284 -2.80 0.85 -27.12
CA GLN A 284 -4.27 0.85 -27.11
C GLN A 284 -4.82 0.23 -25.84
N ASP A 285 -4.26 -0.84 -25.31
CA ASP A 285 -4.66 -1.49 -24.08
C ASP A 285 -4.59 -0.46 -22.96
N MET A 286 -3.44 0.21 -22.95
CA MET A 286 -3.22 1.18 -21.87
C MET A 286 -4.26 2.27 -21.96
N THR A 287 -4.37 2.80 -23.19
CA THR A 287 -5.38 3.80 -23.45
C THR A 287 -6.78 3.31 -23.10
N THR A 288 -7.11 2.08 -23.51
CA THR A 288 -8.42 1.54 -23.21
C THR A 288 -8.63 1.36 -21.72
N LEU A 289 -7.62 0.83 -21.04
CA LEU A 289 -7.83 0.63 -19.59
C LEU A 289 -7.95 1.96 -18.86
N LEU A 290 -7.15 2.95 -19.23
CA LEU A 290 -7.27 4.26 -18.59
C LEU A 290 -8.65 4.87 -18.83
N SER A 291 -9.32 4.48 -19.93
CA SER A 291 -10.64 5.02 -20.26
C SER A 291 -11.75 4.41 -19.41
N TYR A 292 -11.42 3.38 -18.64
CA TYR A 292 -12.49 2.76 -17.84
C TYR A 292 -12.65 3.42 -16.50
N ASN A 293 -11.86 4.46 -16.31
CA ASN A 293 -11.92 5.21 -15.07
C ASN A 293 -13.36 5.60 -14.76
N ARG A 294 -13.80 5.25 -13.56
CA ARG A 294 -15.12 5.63 -13.09
C ARG A 294 -15.00 6.35 -11.74
N ASN A 295 -13.79 6.74 -11.38
CA ASN A 295 -13.54 7.36 -10.08
C ASN A 295 -14.17 6.53 -8.97
N TRP A 296 -14.07 5.20 -9.00
CA TRP A 296 -14.68 4.30 -8.05
C TRP A 296 -13.67 3.78 -7.03
N ARG A 297 -13.98 3.96 -5.75
CA ARG A 297 -13.03 3.58 -4.70
C ARG A 297 -13.40 2.38 -3.87
N VAL A 298 -12.48 1.41 -3.70
CA VAL A 298 -12.75 0.30 -2.79
C VAL A 298 -12.50 0.80 -1.35
N CYS A 299 -11.60 1.75 -1.18
CA CYS A 299 -11.24 2.25 0.12
C CYS A 299 -11.63 3.73 0.27
N ALA A 300 -12.76 3.98 0.88
CA ALA A 300 -13.25 5.35 1.14
C ALA A 300 -14.30 5.17 2.23
N ALA A 301 -13.93 5.49 3.44
CA ALA A 301 -14.75 5.18 4.60
C ALA A 301 -15.73 6.33 4.79
N LEU A 302 -17.00 6.02 4.59
CA LEU A 302 -17.98 7.08 4.73
C LEU A 302 -17.97 7.55 6.17
N SER A 303 -17.62 6.66 7.09
CA SER A 303 -17.47 7.01 8.50
C SER A 303 -16.41 8.10 8.73
N CYS A 304 -15.56 8.37 7.75
CA CYS A 304 -14.50 9.36 7.90
C CYS A 304 -14.67 10.63 7.08
N THR A 305 -15.83 10.79 6.43
CA THR A 305 -16.02 11.87 5.47
C THR A 305 -16.03 13.24 6.16
N SER A 306 -16.17 13.24 7.49
CA SER A 306 -16.15 14.46 8.28
C SER A 306 -14.82 14.69 9.00
N HIS A 307 -13.90 13.74 8.90
CA HIS A 307 -12.56 13.95 9.50
C HIS A 307 -11.89 15.09 8.77
N LYS A 308 -11.17 15.97 9.46
CA LYS A 308 -10.62 17.15 8.83
C LYS A 308 -9.63 16.93 7.69
N ASP A 309 -8.92 15.83 7.71
CA ASP A 309 -7.88 15.24 6.95
C ASP A 309 -8.43 14.11 6.07
N TYR A 310 -9.77 13.99 5.99
CA TYR A 310 -10.34 13.05 5.00
C TYR A 310 -9.75 13.40 3.65
N PRO A 311 -9.07 12.46 3.00
CA PRO A 311 -8.37 12.83 1.78
C PRO A 311 -9.21 12.99 0.51
N PHE A 312 -10.46 12.58 0.42
CA PHE A 312 -11.12 12.35 -0.86
C PHE A 312 -12.21 13.37 -1.17
N HIS A 313 -12.13 14.49 -0.47
CA HIS A 313 -12.98 15.62 -0.88
C HIS A 313 -12.36 16.32 -2.09
N GLU A 314 -11.04 16.47 -2.03
CA GLU A 314 -10.30 17.12 -3.11
C GLU A 314 -10.40 16.33 -4.39
N GLU A 315 -10.36 17.03 -5.52
CA GLU A 315 -10.37 16.33 -6.80
C GLU A 315 -9.27 15.28 -6.85
N PHE A 316 -8.09 15.70 -6.40
CA PHE A 316 -6.96 14.78 -6.33
C PHE A 316 -5.96 15.19 -5.26
PA NAP B . -6.57 -6.75 -4.40
O1A NAP B . -7.06 -5.83 -5.40
O2A NAP B . -5.13 -7.08 -4.25
O5B NAP B . -7.56 -8.05 -4.49
C5B NAP B . -7.28 -9.14 -3.59
C4B NAP B . -8.46 -10.13 -3.89
O4B NAP B . -8.18 -10.68 -5.21
C3B NAP B . -8.44 -11.38 -2.95
O3B NAP B . -9.81 -11.79 -2.82
C2B NAP B . -7.66 -12.44 -3.78
O2B NAP B . -8.16 -13.75 -3.44
C1B NAP B . -8.13 -12.08 -5.20
N9A NAP B . -7.14 -12.46 -6.14
C8A NAP B . -5.77 -12.31 -6.07
N7A NAP B . -5.14 -12.75 -7.10
C5A NAP B . -6.16 -13.23 -7.92
C6A NAP B . -6.02 -13.82 -9.17
N6A NAP B . -4.92 -14.06 -9.87
N1A NAP B . -7.24 -14.19 -9.72
C2A NAP B . -8.46 -13.99 -9.10
N3A NAP B . -8.60 -13.41 -7.86
C4A NAP B . -7.37 -13.05 -7.32
O3 NAP B . -7.10 -6.27 -2.96
PN NAP B . -6.43 -5.58 -1.66
O1N NAP B . -6.00 -6.57 -0.67
O2N NAP B . -7.43 -4.56 -1.24
O5D NAP B . -5.21 -4.70 -2.22
C5D NAP B . -3.87 -5.23 -2.31
C4D NAP B . -3.04 -4.86 -1.10
O4D NAP B . -2.97 -3.40 -1.02
C3D NAP B . -3.61 -5.16 0.31
O3D NAP B . -3.62 -6.52 0.67
C2D NAP B . -2.78 -4.23 1.20
O2D NAP B . -1.49 -4.82 1.35
C1D NAP B . -2.69 -2.99 0.33
N1N NAP B . -3.75 -1.92 0.59
C2N NAP B . -3.24 -0.78 1.21
C3N NAP B . -4.24 0.08 1.62
C7N NAP B . -3.80 1.37 2.30
O7N NAP B . -4.78 2.02 2.61
N7N NAP B . -2.57 1.76 2.06
C4N NAP B . -5.64 -0.13 1.48
C5N NAP B . -6.07 -1.31 0.84
C6N NAP B . -5.10 -2.24 0.38
P2B NAP B . -7.30 -14.77 -2.48
O1X NAP B . -6.46 -15.67 -3.44
O2X NAP B . -6.49 -13.96 -1.55
O3X NAP B . -8.40 -15.64 -1.82
C1 393 C . -10.23 6.10 5.73
N2 393 C . -10.67 7.30 5.15
O3 393 C . -10.42 8.39 5.67
O4 393 C . -11.30 7.16 4.10
C5 393 C . -10.51 4.88 5.13
C6 393 C . -10.00 3.72 5.72
C7 393 C . -10.41 2.42 5.02
N8 393 C . -9.74 1.29 5.57
C9 393 C . -10.49 0.42 6.30
C10 393 C . -9.79 -0.74 6.94
C11 393 C . -10.03 -1.06 8.29
C12 393 C . -9.36 -2.14 8.85
C13 393 C . -8.48 -2.89 8.09
CL1 393 C . -7.59 -4.24 8.73
C15 393 C . -8.23 -2.60 6.75
C16 393 C . -8.90 -1.51 6.18
O17 393 C . -8.69 -1.17 4.86
C18 393 C . -7.42 -1.52 4.29
C19 393 C . -6.44 -0.42 4.65
O20 393 C . -5.20 -0.70 4.34
O21 393 C . -6.81 0.59 5.18
O22 393 C . -11.61 0.74 6.71
C23 393 C . -9.35 3.79 6.94
C24 393 C . -9.07 5.03 7.55
C25 393 C . -9.53 6.20 6.92
#